data_6CVO
#
_entry.id   6CVO
#
_cell.length_a   58.913
_cell.length_b   72.547
_cell.length_c   147.164
_cell.angle_alpha   90.00
_cell.angle_beta   90.00
_cell.angle_gamma   90.00
#
_symmetry.space_group_name_H-M   'P 21 21 21'
#
loop_
_entity.id
_entity.type
_entity.pdbx_description
1 polymer Aprataxin
2 polymer "DNA/RNA (5'-R(P*G)-D(P*TP*TP*CP*TP*AP*TP*AP*TP*AP*TP*AP*GP*AP*AP*CP*GP*CP*TP*GP*TP*T)-3')"
3 polymer "DNA (5'-D(*AP*AP*CP*AP*GP*C)-3')"
4 non-polymer 'ADENOSINE MONOPHOSPHATE'
5 non-polymer 'ZINC ION'
6 non-polymer BETA-MERCAPTOETHANOL
7 water water
#
loop_
_entity_poly.entity_id
_entity_poly.type
_entity_poly.pdbx_seq_one_letter_code
_entity_poly.pdbx_strand_id
1 'polypeptide(L)'
;GSHMGHWSQGLKISMQDPKMQVYKDEQVVVIKDKYPKARYHWLVLPWTSISSLKAVAREHLELLKHMHTVGEKVIVDFAG
SSKLRFRLGYHAIPSMSHVHLHVISQDFDSPCLKNKKHWNSFNTEYFLESQAVIEMVQEAGRVTVRDGMPELLKLPLRCH
ECQQLLPSIPQLKEHLRKHWTQ
;
A,B
2 'polydeoxyribonucleotide/polyribonucleotide hybrid'
;G(DT)(DT)(DC)(DT)(DA)(DT)(DA)(DT)(DA)(DT)(DA)(DG)(DA)(DA)(DC)(DG)(DC)(DT)(DG)
(DT)(DT)
;
D,G
3 'polydeoxyribonucleotide' (DA)(DA)(DC)(DA)(DG)(DC) E,H
#
loop_
_chem_comp.id
_chem_comp.type
_chem_comp.name
_chem_comp.formula
AMP non-polymer 'ADENOSINE MONOPHOSPHATE' 'C10 H14 N5 O7 P'
BME non-polymer BETA-MERCAPTOETHANOL 'C2 H6 O S'
DA DNA linking 2'-DEOXYADENOSINE-5'-MONOPHOSPHATE 'C10 H14 N5 O6 P'
DC DNA linking 2'-DEOXYCYTIDINE-5'-MONOPHOSPHATE 'C9 H14 N3 O7 P'
DG DNA linking 2'-DEOXYGUANOSINE-5'-MONOPHOSPHATE 'C10 H14 N5 O7 P'
DT DNA linking THYMIDINE-5'-MONOPHOSPHATE 'C10 H15 N2 O8 P'
G RNA linking GUANOSINE-5'-MONOPHOSPHATE 'C10 H14 N5 O8 P'
ZN non-polymer 'ZINC ION' 'Zn 2'
#
# COMPACT_ATOMS: atom_id res chain seq x y z
N GLY A 5 26.65 -23.17 2.25
CA GLY A 5 26.95 -22.97 3.66
C GLY A 5 26.24 -23.96 4.56
N HIS A 6 26.89 -24.30 5.68
CA HIS A 6 26.33 -25.27 6.61
C HIS A 6 25.03 -24.80 7.23
N TRP A 7 24.75 -23.48 7.19
CA TRP A 7 23.51 -22.97 7.76
C TRP A 7 22.29 -23.55 7.07
N SER A 8 22.39 -23.85 5.77
CA SER A 8 21.25 -24.34 5.01
C SER A 8 20.83 -25.75 5.39
N GLN A 9 21.61 -26.45 6.22
CA GLN A 9 21.27 -27.78 6.68
C GLN A 9 20.63 -27.77 8.05
N GLY A 10 20.28 -26.60 8.58
CA GLY A 10 19.79 -26.53 9.95
C GLY A 10 18.58 -27.40 10.20
N LEU A 11 17.68 -27.49 9.21
CA LEU A 11 16.45 -28.24 9.41
C LEU A 11 16.73 -29.73 9.60
N LYS A 12 17.61 -30.30 8.77
CA LYS A 12 17.96 -31.71 8.95
C LYS A 12 18.61 -31.96 10.30
N ILE A 13 19.49 -31.06 10.72
CA ILE A 13 20.14 -31.21 12.02
C ILE A 13 19.10 -31.16 13.14
N SER A 14 18.25 -30.13 13.12
CA SER A 14 17.31 -29.92 14.21
C SER A 14 16.29 -31.06 14.29
N MET A 15 15.78 -31.52 13.14
CA MET A 15 14.78 -32.58 13.16
C MET A 15 15.33 -33.89 13.70
N GLN A 16 16.64 -34.09 13.62
CA GLN A 16 17.27 -35.29 14.18
C GLN A 16 17.52 -35.16 15.67
N ASP A 17 17.32 -33.97 16.26
CA ASP A 17 17.56 -33.77 17.68
C ASP A 17 16.27 -34.06 18.43
N PRO A 18 16.21 -35.13 19.25
CA PRO A 18 14.96 -35.42 19.96
C PRO A 18 14.39 -34.25 20.75
N LYS A 19 15.25 -33.34 21.22
CA LYS A 19 14.77 -32.22 22.03
C LYS A 19 13.97 -31.22 21.21
N MET A 20 14.07 -31.26 19.88
CA MET A 20 13.34 -30.36 19.01
C MET A 20 12.12 -31.01 18.37
N GLN A 21 11.87 -32.29 18.65
CA GLN A 21 10.84 -33.05 17.95
C GLN A 21 9.49 -32.80 18.62
N VAL A 22 8.73 -31.85 18.06
CA VAL A 22 7.35 -31.65 18.49
C VAL A 22 6.54 -32.91 18.25
N TYR A 23 6.71 -33.51 17.08
CA TYR A 23 5.99 -34.73 16.70
C TYR A 23 6.88 -35.56 15.81
N LYS A 24 6.75 -36.88 15.91
CA LYS A 24 7.55 -37.80 15.13
C LYS A 24 6.77 -39.08 14.88
N ASP A 25 6.86 -39.58 13.65
CA ASP A 25 6.35 -40.90 13.30
C ASP A 25 7.33 -41.51 12.30
N GLU A 26 6.91 -42.59 11.67
CA GLU A 26 7.78 -43.30 10.73
C GLU A 26 7.97 -42.56 9.41
N GLN A 27 7.25 -41.46 9.19
CA GLN A 27 7.30 -40.74 7.91
C GLN A 27 7.83 -39.33 8.02
N VAL A 28 7.47 -38.58 9.07
CA VAL A 28 7.73 -37.15 9.13
C VAL A 28 8.20 -36.77 10.53
N VAL A 29 8.71 -35.54 10.63
CA VAL A 29 9.06 -34.92 11.90
C VAL A 29 8.53 -33.49 11.88
N VAL A 30 8.14 -33.00 13.05
CA VAL A 30 7.69 -31.64 13.22
C VAL A 30 8.60 -30.94 14.21
N ILE A 31 9.06 -29.74 13.86
CA ILE A 31 9.82 -28.89 14.76
C ILE A 31 9.21 -27.50 14.72
N LYS A 32 9.38 -26.77 15.81
CA LYS A 32 9.01 -25.36 15.81
C LYS A 32 9.96 -24.57 14.92
N ASP A 33 9.41 -23.61 14.18
CA ASP A 33 10.26 -22.70 13.44
C ASP A 33 11.13 -21.92 14.41
N LYS A 34 12.45 -22.00 14.21
CA LYS A 34 13.39 -21.40 15.15
C LYS A 34 13.22 -19.89 15.21
N TYR A 35 12.80 -19.28 14.10
CA TYR A 35 12.58 -17.84 14.02
C TYR A 35 11.13 -17.61 13.58
N PRO A 36 10.17 -17.91 14.45
CA PRO A 36 8.76 -17.95 14.01
C PRO A 36 8.26 -16.58 13.57
N LYS A 37 7.49 -16.58 12.48
CA LYS A 37 6.89 -15.36 11.95
C LYS A 37 5.46 -15.18 12.43
N ALA A 38 5.04 -15.94 13.43
CA ALA A 38 3.71 -15.80 14.02
C ALA A 38 3.71 -16.49 15.37
N ARG A 39 2.60 -16.34 16.10
CA ARG A 39 2.51 -16.96 17.41
C ARG A 39 2.70 -18.47 17.34
N TYR A 40 2.30 -19.09 16.23
CA TYR A 40 2.49 -20.51 16.01
C TYR A 40 3.11 -20.70 14.63
N HIS A 41 4.23 -21.42 14.57
CA HIS A 41 4.94 -21.61 13.32
C HIS A 41 5.74 -22.90 13.42
N TRP A 42 5.26 -23.95 12.75
CA TRP A 42 5.92 -25.25 12.75
C TRP A 42 6.41 -25.58 11.34
N LEU A 43 7.33 -26.53 11.28
CA LEU A 43 7.84 -27.05 10.02
C LEU A 43 7.75 -28.57 10.03
N VAL A 44 7.20 -29.14 8.98
CA VAL A 44 7.04 -30.59 8.85
C VAL A 44 8.02 -31.07 7.78
N LEU A 45 8.91 -31.98 8.16
CA LEU A 45 9.90 -32.52 7.24
C LEU A 45 9.78 -34.04 7.16
N PRO A 46 9.97 -34.63 5.98
CA PRO A 46 10.00 -36.09 5.88
C PRO A 46 11.39 -36.66 6.13
N TRP A 47 11.41 -37.85 6.74
CA TRP A 47 12.68 -38.54 6.94
C TRP A 47 13.37 -38.81 5.61
N THR A 48 12.60 -39.22 4.60
CA THR A 48 13.13 -39.38 3.25
C THR A 48 13.13 -37.99 2.61
N SER A 49 14.31 -37.38 2.53
CA SER A 49 14.43 -36.00 2.08
C SER A 49 14.03 -35.85 0.63
N ILE A 50 13.42 -34.71 0.33
CA ILE A 50 13.12 -34.29 -1.03
C ILE A 50 13.90 -33.00 -1.28
N SER A 51 14.60 -32.94 -2.41
CA SER A 51 15.52 -31.84 -2.65
C SER A 51 14.78 -30.53 -2.89
N SER A 52 13.75 -30.55 -3.75
CA SER A 52 13.01 -29.34 -4.07
C SER A 52 11.66 -29.74 -4.63
N LEU A 53 10.80 -28.74 -4.82
CA LEU A 53 9.49 -28.99 -5.42
C LEU A 53 9.62 -29.52 -6.83
N LYS A 54 10.69 -29.15 -7.54
CA LYS A 54 10.91 -29.65 -8.89
C LYS A 54 11.09 -31.16 -8.91
N ALA A 55 11.62 -31.73 -7.83
CA ALA A 55 11.88 -33.16 -7.76
C ALA A 55 10.66 -33.96 -7.29
N VAL A 56 9.56 -33.29 -6.95
CA VAL A 56 8.37 -33.99 -6.48
C VAL A 56 7.71 -34.72 -7.64
N ALA A 57 7.34 -35.97 -7.41
CA ALA A 57 6.64 -36.80 -8.39
C ALA A 57 5.50 -37.52 -7.67
N ARG A 58 4.73 -38.30 -8.43
CA ARG A 58 3.53 -38.90 -7.86
C ARG A 58 3.86 -39.88 -6.73
N GLU A 59 5.08 -40.42 -6.70
CA GLU A 59 5.46 -41.32 -5.60
C GLU A 59 5.47 -40.61 -4.26
N HIS A 60 5.59 -39.27 -4.26
CA HIS A 60 5.57 -38.49 -3.03
C HIS A 60 4.17 -38.09 -2.60
N LEU A 61 3.14 -38.50 -3.34
CA LEU A 61 1.79 -38.00 -3.09
C LEU A 61 1.35 -38.29 -1.66
N GLU A 62 1.26 -39.57 -1.29
CA GLU A 62 0.77 -39.92 0.03
C GLU A 62 1.60 -39.26 1.13
N LEU A 63 2.92 -39.18 0.93
CA LEU A 63 3.76 -38.50 1.91
C LEU A 63 3.33 -37.05 2.10
N LEU A 64 3.10 -36.34 0.98
CA LEU A 64 2.65 -34.96 1.07
C LEU A 64 1.31 -34.87 1.80
N LYS A 65 0.39 -35.79 1.51
CA LYS A 65 -0.87 -35.82 2.24
C LYS A 65 -0.63 -36.07 3.72
N HIS A 66 0.30 -36.97 4.05
CA HIS A 66 0.60 -37.24 5.45
C HIS A 66 1.19 -36.01 6.13
N MET A 67 2.09 -35.30 5.45
CA MET A 67 2.65 -34.07 6.00
C MET A 67 1.55 -33.06 6.29
N HIS A 68 0.55 -32.98 5.42
CA HIS A 68 -0.56 -32.05 5.64
C HIS A 68 -1.40 -32.48 6.83
N THR A 69 -1.75 -33.77 6.90
CA THR A 69 -2.56 -34.26 8.02
CA THR A 69 -2.56 -34.27 8.02
C THR A 69 -1.83 -34.07 9.34
N VAL A 70 -0.53 -34.35 9.38
CA VAL A 70 0.24 -34.17 10.61
C VAL A 70 0.26 -32.70 11.01
N GLY A 71 0.43 -31.81 10.04
CA GLY A 71 0.41 -30.39 10.34
C GLY A 71 -0.88 -29.95 11.00
N GLU A 72 -2.02 -30.44 10.48
CA GLU A 72 -3.30 -30.12 11.08
C GLU A 72 -3.46 -30.76 12.46
N LYS A 73 -2.82 -31.91 12.68
CA LYS A 73 -2.89 -32.54 14.00
C LYS A 73 -2.09 -31.74 15.02
N VAL A 74 -0.95 -31.19 14.63
CA VAL A 74 -0.15 -30.37 15.54
C VAL A 74 -0.94 -29.13 15.95
N ILE A 75 -1.73 -28.57 15.02
CA ILE A 75 -2.60 -27.45 15.37
C ILE A 75 -3.56 -27.85 16.49
N VAL A 76 -4.18 -29.02 16.36
CA VAL A 76 -5.13 -29.48 17.36
C VAL A 76 -4.43 -29.74 18.69
N ASP A 77 -3.27 -30.40 18.65
CA ASP A 77 -2.63 -30.87 19.88
C ASP A 77 -1.90 -29.76 20.61
N PHE A 78 -1.43 -28.72 19.91
CA PHE A 78 -0.64 -27.67 20.52
C PHE A 78 -1.23 -26.28 20.36
N ALA A 79 -2.41 -26.16 19.73
CA ALA A 79 -3.10 -24.88 19.63
C ALA A 79 -4.57 -25.12 19.32
N GLY A 80 -5.19 -26.06 20.02
CA GLY A 80 -6.57 -26.42 19.74
C GLY A 80 -7.55 -25.34 20.17
N SER A 81 -7.46 -24.92 21.43
CA SER A 81 -8.38 -23.91 21.95
C SER A 81 -8.16 -22.53 21.33
N SER A 82 -7.18 -22.38 20.44
CA SER A 82 -6.96 -21.10 19.79
C SER A 82 -8.01 -20.84 18.73
N LYS A 83 -8.47 -19.59 18.67
CA LYS A 83 -9.38 -19.15 17.61
C LYS A 83 -8.63 -18.66 16.37
N LEU A 84 -7.30 -18.67 16.40
CA LEU A 84 -6.53 -18.18 15.28
C LEU A 84 -6.77 -19.03 14.04
N ARG A 85 -6.46 -18.46 12.88
CA ARG A 85 -6.54 -19.15 11.61
C ARG A 85 -5.14 -19.60 11.19
N PHE A 86 -5.09 -20.73 10.49
CA PHE A 86 -3.82 -21.33 10.08
C PHE A 86 -3.80 -21.54 8.58
N ARG A 87 -2.59 -21.50 8.01
CA ARG A 87 -2.35 -21.86 6.62
C ARG A 87 -1.18 -22.83 6.54
N LEU A 88 -1.26 -23.73 5.56
CA LEU A 88 -0.23 -24.76 5.35
C LEU A 88 0.24 -24.65 3.91
N GLY A 89 1.54 -24.47 3.72
CA GLY A 89 2.06 -24.32 2.36
C GLY A 89 3.57 -24.37 2.33
N TYR A 90 4.10 -24.22 1.12
CA TYR A 90 5.51 -24.30 0.85
C TYR A 90 6.00 -22.99 0.22
N HIS A 91 7.24 -22.64 0.51
CA HIS A 91 7.87 -21.49 -0.13
C HIS A 91 8.38 -21.89 -1.50
N ALA A 92 7.99 -21.14 -2.53
CA ALA A 92 8.33 -21.50 -3.90
C ALA A 92 9.84 -21.58 -4.11
N ILE A 93 10.58 -20.66 -3.50
CA ILE A 93 12.04 -20.64 -3.60
C ILE A 93 12.60 -20.56 -2.18
N PRO A 94 12.69 -21.68 -1.46
CA PRO A 94 13.15 -21.63 -0.07
C PRO A 94 14.66 -21.41 0.01
N SER A 95 15.12 -21.08 1.21
CA SER A 95 16.54 -20.93 1.49
C SER A 95 17.12 -22.12 2.25
N MET A 96 16.36 -22.68 3.18
CA MET A 96 16.80 -23.86 3.92
C MET A 96 16.57 -25.11 3.08
N SER A 97 17.57 -25.99 3.05
CA SER A 97 17.49 -27.19 2.22
C SER A 97 16.47 -28.17 2.79
N HIS A 98 16.12 -29.16 1.98
CA HIS A 98 15.14 -30.18 2.35
C HIS A 98 13.75 -29.57 2.41
N VAL A 99 12.86 -29.98 1.49
CA VAL A 99 11.52 -29.41 1.42
CA VAL A 99 11.52 -29.40 1.44
C VAL A 99 10.86 -29.55 2.78
N HIS A 100 10.13 -28.52 3.19
CA HIS A 100 9.48 -28.48 4.49
C HIS A 100 8.14 -27.78 4.35
N LEU A 101 7.15 -28.25 5.09
CA LEU A 101 5.81 -27.68 5.08
C LEU A 101 5.69 -26.65 6.20
N HIS A 102 5.35 -25.42 5.83
CA HIS A 102 5.09 -24.39 6.82
C HIS A 102 3.68 -24.53 7.37
N VAL A 103 3.54 -24.49 8.70
CA VAL A 103 2.25 -24.47 9.36
C VAL A 103 2.30 -23.28 10.31
N ILE A 104 1.58 -22.22 9.96
CA ILE A 104 1.77 -20.91 10.59
C ILE A 104 0.40 -20.26 10.82
N SER A 105 0.24 -19.65 11.99
CA SER A 105 -0.97 -18.91 12.31
C SER A 105 -0.96 -17.56 11.61
N GLN A 106 -2.16 -17.07 11.31
CA GLN A 106 -2.33 -15.90 10.47
C GLN A 106 -2.36 -14.59 11.25
N ASP A 107 -1.99 -14.63 12.53
CA ASP A 107 -1.77 -13.39 13.26
C ASP A 107 -0.53 -12.67 12.76
N PHE A 108 0.52 -13.43 12.41
CA PHE A 108 1.80 -12.87 12.00
C PHE A 108 2.31 -11.87 13.05
N ASP A 109 2.06 -12.18 14.31
CA ASP A 109 2.49 -11.37 15.44
C ASP A 109 3.75 -12.01 16.01
N SER A 110 4.91 -11.47 15.66
CA SER A 110 6.18 -12.04 16.09
C SER A 110 7.32 -11.07 15.79
N PRO A 111 8.29 -10.92 16.69
CA PRO A 111 9.42 -10.02 16.39
C PRO A 111 10.33 -10.53 15.29
N CYS A 112 10.32 -11.82 14.98
CA CYS A 112 11.16 -12.35 13.91
C CYS A 112 10.64 -11.98 12.53
N LEU A 113 9.41 -11.50 12.43
CA LEU A 113 8.88 -10.96 11.17
C LEU A 113 9.34 -9.51 11.08
N LYS A 114 10.38 -9.27 10.29
CA LYS A 114 11.10 -8.00 10.32
C LYS A 114 11.16 -7.25 9.00
N ASN A 115 10.97 -7.91 7.86
CA ASN A 115 11.20 -7.27 6.57
C ASN A 115 10.14 -7.71 5.57
N LYS A 116 10.21 -7.07 4.39
CA LYS A 116 9.21 -7.29 3.34
C LYS A 116 9.26 -8.71 2.79
N LYS A 117 10.47 -9.27 2.64
CA LYS A 117 10.58 -10.64 2.15
C LYS A 117 9.83 -11.60 3.06
N HIS A 118 9.99 -11.44 4.38
CA HIS A 118 9.27 -12.29 5.32
C HIS A 118 7.76 -12.24 5.07
N TRP A 119 7.21 -11.03 4.98
CA TRP A 119 5.78 -10.88 4.80
C TRP A 119 5.31 -11.53 3.50
N ASN A 120 5.91 -11.14 2.38
CA ASN A 120 5.44 -11.58 1.07
C ASN A 120 5.63 -13.08 0.86
N SER A 121 6.58 -13.70 1.57
CA SER A 121 6.79 -15.13 1.43
C SER A 121 5.67 -15.95 2.07
N PHE A 122 4.81 -15.33 2.88
CA PHE A 122 3.64 -15.97 3.43
C PHE A 122 2.33 -15.37 2.95
N ASN A 123 2.37 -14.23 2.24
CA ASN A 123 1.16 -13.51 1.88
C ASN A 123 1.16 -13.10 0.41
N THR A 124 1.86 -13.86 -0.43
CA THR A 124 1.74 -13.75 -1.88
C THR A 124 1.68 -15.16 -2.44
N GLU A 125 1.50 -15.26 -3.75
CA GLU A 125 1.50 -16.57 -4.40
C GLU A 125 2.83 -17.28 -4.27
N TYR A 126 3.88 -16.59 -3.81
CA TYR A 126 5.11 -17.26 -3.42
C TYR A 126 4.84 -18.38 -2.42
N PHE A 127 3.80 -18.23 -1.61
CA PHE A 127 3.39 -19.24 -0.64
C PHE A 127 2.44 -20.21 -1.33
N LEU A 128 2.95 -21.40 -1.66
CA LEU A 128 2.16 -22.40 -2.37
C LEU A 128 1.41 -23.24 -1.33
N GLU A 129 0.08 -23.14 -1.35
CA GLU A 129 -0.73 -23.87 -0.40
C GLU A 129 -0.50 -25.37 -0.51
N SER A 130 -0.46 -26.04 0.64
CA SER A 130 -0.25 -27.48 0.65
C SER A 130 -1.32 -28.20 -0.15
N GLN A 131 -2.58 -27.80 0.02
CA GLN A 131 -3.67 -28.47 -0.69
C GLN A 131 -3.55 -28.30 -2.19
N ALA A 132 -3.02 -27.17 -2.66
CA ALA A 132 -2.84 -26.97 -4.09
C ALA A 132 -1.68 -27.80 -4.62
N VAL A 133 -0.61 -27.93 -3.83
CA VAL A 133 0.50 -28.79 -4.22
C VAL A 133 0.04 -30.23 -4.33
N ILE A 134 -0.71 -30.70 -3.33
CA ILE A 134 -1.24 -32.05 -3.36
C ILE A 134 -2.09 -32.26 -4.62
N GLU A 135 -2.89 -31.26 -4.99
CA GLU A 135 -3.75 -31.40 -6.16
C GLU A 135 -2.95 -31.54 -7.44
N MET A 136 -1.86 -30.77 -7.56
CA MET A 136 -1.04 -30.84 -8.77
C MET A 136 -0.39 -32.22 -8.91
N VAL A 137 0.11 -32.78 -7.81
CA VAL A 137 0.74 -34.09 -7.87
C VAL A 137 -0.30 -35.17 -8.17
N GLN A 138 -1.51 -35.01 -7.64
CA GLN A 138 -2.54 -36.01 -7.86
C GLN A 138 -2.99 -36.04 -9.31
N GLU A 139 -3.13 -34.87 -9.93
CA GLU A 139 -3.66 -34.78 -11.30
C GLU A 139 -2.52 -34.75 -12.31
N ALA A 140 -1.73 -33.68 -12.30
CA ALA A 140 -0.66 -33.54 -13.30
C ALA A 140 0.51 -34.45 -13.01
N GLY A 141 0.75 -34.79 -11.74
CA GLY A 141 1.86 -35.62 -11.36
C GLY A 141 3.13 -34.88 -11.04
N ARG A 142 3.11 -33.55 -11.06
CA ARG A 142 4.29 -32.75 -10.73
C ARG A 142 3.82 -31.39 -10.24
N VAL A 143 4.75 -30.67 -9.60
CA VAL A 143 4.48 -29.35 -9.05
C VAL A 143 4.99 -28.31 -10.03
N THR A 144 4.09 -27.51 -10.58
CA THR A 144 4.45 -26.42 -11.48
C THR A 144 4.43 -25.11 -10.71
N VAL A 145 5.52 -24.35 -10.81
CA VAL A 145 5.67 -23.08 -10.12
C VAL A 145 5.77 -21.99 -11.17
N ARG A 146 4.85 -21.04 -11.14
CA ARG A 146 4.87 -19.95 -12.11
C ARG A 146 6.14 -19.13 -11.98
N ASP A 147 6.42 -18.34 -13.01
CA ASP A 147 7.59 -17.47 -13.00
C ASP A 147 7.31 -16.19 -12.21
N GLY A 148 8.37 -15.47 -11.89
CA GLY A 148 8.25 -14.21 -11.21
C GLY A 148 8.13 -14.30 -9.71
N MET A 149 8.49 -15.43 -9.11
CA MET A 149 8.45 -15.54 -7.66
C MET A 149 9.36 -14.53 -6.96
N PRO A 150 10.59 -14.30 -7.43
CA PRO A 150 11.43 -13.29 -6.75
C PRO A 150 10.80 -11.90 -6.72
N GLU A 151 10.03 -11.54 -7.75
CA GLU A 151 9.41 -10.22 -7.77
C GLU A 151 8.30 -10.12 -6.72
N LEU A 152 7.57 -11.22 -6.49
CA LEU A 152 6.53 -11.21 -5.48
C LEU A 152 7.07 -10.85 -4.11
N LEU A 153 8.32 -11.25 -3.82
CA LEU A 153 8.91 -10.96 -2.51
C LEU A 153 9.20 -9.47 -2.32
N LYS A 154 9.23 -8.69 -3.40
CA LYS A 154 9.53 -7.27 -3.33
C LYS A 154 8.28 -6.39 -3.48
N LEU A 155 7.09 -6.97 -3.38
CA LEU A 155 5.87 -6.20 -3.57
C LEU A 155 5.60 -5.32 -2.36
N PRO A 156 4.97 -4.16 -2.56
CA PRO A 156 4.57 -3.34 -1.41
C PRO A 156 3.73 -4.14 -0.43
N LEU A 157 3.83 -3.77 0.85
CA LEU A 157 3.14 -4.49 1.90
C LEU A 157 1.63 -4.33 1.75
N ARG A 158 0.91 -5.45 1.78
CA ARG A 158 -0.54 -5.45 1.68
C ARG A 158 -1.11 -6.35 2.77
N CYS A 159 -2.13 -5.88 3.46
CA CYS A 159 -2.76 -6.67 4.50
C CYS A 159 -3.50 -7.86 3.90
N HIS A 160 -3.32 -9.03 4.51
CA HIS A 160 -3.95 -10.25 4.03
C HIS A 160 -5.42 -10.37 4.45
N GLU A 161 -5.87 -9.55 5.39
CA GLU A 161 -7.26 -9.61 5.85
C GLU A 161 -8.15 -8.64 5.09
N CYS A 162 -7.70 -7.39 4.91
CA CYS A 162 -8.50 -6.36 4.26
C CYS A 162 -7.90 -5.84 2.97
N GLN A 163 -6.68 -6.27 2.61
CA GLN A 163 -6.02 -5.93 1.35
C GLN A 163 -5.49 -4.50 1.34
N GLN A 164 -5.47 -3.80 2.47
CA GLN A 164 -4.98 -2.43 2.49
C GLN A 164 -3.46 -2.39 2.33
N LEU A 165 -2.98 -1.42 1.56
CA LEU A 165 -1.55 -1.24 1.37
C LEU A 165 -0.97 -0.45 2.54
N LEU A 166 0.14 -0.94 3.11
CA LEU A 166 0.82 -0.24 4.17
C LEU A 166 2.23 0.12 3.74
N PRO A 167 2.78 1.23 4.24
CA PRO A 167 4.08 1.71 3.75
C PRO A 167 5.31 1.12 4.43
N SER A 168 5.15 0.44 5.57
CA SER A 168 6.31 -0.04 6.30
C SER A 168 5.91 -1.24 7.16
N ILE A 169 6.93 -1.99 7.59
CA ILE A 169 6.69 -3.11 8.49
C ILE A 169 6.11 -2.64 9.82
N PRO A 170 6.66 -1.64 10.50
CA PRO A 170 6.05 -1.19 11.75
C PRO A 170 4.60 -0.78 11.60
N GLN A 171 4.26 -0.01 10.56
CA GLN A 171 2.87 0.40 10.36
C GLN A 171 1.99 -0.79 10.00
N LEU A 172 2.56 -1.81 9.35
CA LEU A 172 1.80 -3.03 9.10
C LEU A 172 1.49 -3.76 10.40
N LYS A 173 2.50 -3.91 11.27
CA LYS A 173 2.27 -4.59 12.54
C LYS A 173 1.25 -3.87 13.39
N GLU A 174 1.24 -2.54 13.34
CA GLU A 174 0.21 -1.78 14.05
C GLU A 174 -1.16 -2.01 13.40
N HIS A 175 -1.21 -2.06 12.06
CA HIS A 175 -2.46 -2.31 11.38
C HIS A 175 -3.03 -3.68 11.73
N LEU A 176 -2.17 -4.69 11.82
CA LEU A 176 -2.62 -6.04 12.12
C LEU A 176 -3.34 -6.14 13.46
N ARG A 177 -3.07 -5.21 14.38
CA ARG A 177 -3.74 -5.25 15.67
C ARG A 177 -5.25 -5.07 15.54
N LYS A 178 -5.69 -4.38 14.48
CA LYS A 178 -7.12 -4.19 14.28
C LYS A 178 -7.82 -5.49 13.90
N HIS A 179 -7.09 -6.48 13.41
CA HIS A 179 -7.68 -7.77 13.07
C HIS A 179 -7.36 -8.80 14.15
N HIS C 3 -4.75 28.23 17.11
CA HIS C 3 -5.12 29.22 16.11
C HIS C 3 -4.01 29.44 15.09
N MET C 4 -2.87 28.78 15.31
CA MET C 4 -1.75 28.81 14.38
C MET C 4 -1.15 30.21 14.27
N GLY C 5 0.07 30.30 13.74
CA GLY C 5 0.83 31.53 13.75
C GLY C 5 0.67 32.35 12.48
N HIS C 6 1.45 33.43 12.41
CA HIS C 6 1.34 34.37 11.31
C HIS C 6 1.65 33.72 9.96
N TRP C 7 2.47 32.67 9.95
CA TRP C 7 2.86 32.05 8.69
C TRP C 7 1.65 31.53 7.91
N SER C 8 0.59 31.14 8.61
CA SER C 8 -0.58 30.56 7.95
C SER C 8 -1.40 31.60 7.18
N GLN C 9 -1.06 32.88 7.29
CA GLN C 9 -1.77 33.95 6.59
C GLN C 9 -1.08 34.36 5.30
N GLY C 10 -0.07 33.60 4.85
CA GLY C 10 0.69 34.01 3.69
C GLY C 10 -0.17 34.19 2.45
N LEU C 11 -1.19 33.36 2.29
CA LEU C 11 -2.02 33.44 1.09
C LEU C 11 -2.81 34.74 1.05
N LYS C 12 -3.28 35.21 2.20
CA LYS C 12 -4.00 36.49 2.24
C LYS C 12 -3.07 37.65 1.91
N ILE C 13 -1.84 37.60 2.40
CA ILE C 13 -0.88 38.67 2.13
C ILE C 13 -0.44 38.63 0.67
N SER C 14 -0.24 37.43 0.13
CA SER C 14 0.27 37.32 -1.24
C SER C 14 -0.81 37.71 -2.25
N MET C 15 -2.06 37.28 -2.03
CA MET C 15 -3.12 37.57 -2.98
C MET C 15 -3.41 39.06 -3.11
N GLN C 16 -3.06 39.85 -2.09
CA GLN C 16 -3.26 41.29 -2.12
C GLN C 16 -2.11 42.03 -2.78
N ASP C 17 -1.07 41.32 -3.21
CA ASP C 17 0.06 41.94 -3.89
C ASP C 17 -0.20 41.91 -5.39
N PRO C 18 -0.40 43.06 -6.06
CA PRO C 18 -0.70 43.01 -7.50
C PRO C 18 0.36 42.28 -8.32
N LYS C 19 1.61 42.27 -7.86
CA LYS C 19 2.67 41.59 -8.60
C LYS C 19 2.50 40.09 -8.61
N MET C 20 1.80 39.53 -7.62
CA MET C 20 1.54 38.10 -7.56
C MET C 20 0.23 37.70 -8.21
N GLN C 21 -0.56 38.66 -8.68
CA GLN C 21 -1.90 38.38 -9.19
C GLN C 21 -1.82 37.96 -10.66
N VAL C 22 -2.10 36.70 -10.93
CA VAL C 22 -2.21 36.23 -12.30
C VAL C 22 -3.55 36.63 -12.90
N TYR C 23 -4.57 36.80 -12.06
CA TYR C 23 -5.90 37.19 -12.52
C TYR C 23 -6.66 37.80 -11.35
N LYS C 24 -7.54 38.75 -11.66
CA LYS C 24 -8.35 39.40 -10.64
C LYS C 24 -9.68 39.84 -11.25
N ASP C 25 -10.75 39.63 -10.50
CA ASP C 25 -12.03 40.25 -10.78
C ASP C 25 -12.67 40.63 -9.44
N GLU C 26 -13.92 41.08 -9.49
CA GLU C 26 -14.62 41.51 -8.29
C GLU C 26 -14.88 40.36 -7.31
N GLN C 27 -14.72 39.10 -7.75
CA GLN C 27 -15.04 37.94 -6.92
C GLN C 27 -13.83 37.16 -6.46
N VAL C 28 -12.86 36.90 -7.35
CA VAL C 28 -11.77 35.99 -7.04
C VAL C 28 -10.45 36.62 -7.49
N VAL C 29 -9.35 35.98 -7.07
CA VAL C 29 -8.01 36.34 -7.48
C VAL C 29 -7.20 35.06 -7.65
N VAL C 30 -6.26 35.09 -8.57
CA VAL C 30 -5.40 33.95 -8.88
C VAL C 30 -3.96 34.34 -8.65
N ILE C 31 -3.21 33.48 -7.96
CA ILE C 31 -1.79 33.67 -7.74
C ILE C 31 -1.07 32.37 -8.10
N LYS C 32 0.20 32.49 -8.45
CA LYS C 32 1.03 31.32 -8.64
C LYS C 32 1.40 30.72 -7.29
N ASP C 33 1.29 29.40 -7.18
CA ASP C 33 1.73 28.71 -5.98
C ASP C 33 3.20 29.00 -5.73
N LYS C 34 3.52 29.45 -4.51
CA LYS C 34 4.88 29.85 -4.21
C LYS C 34 5.85 28.67 -4.20
N TYR C 35 5.35 27.46 -4.01
CA TYR C 35 6.16 26.24 -4.02
C TYR C 35 5.48 25.23 -4.94
N PRO C 36 5.49 25.49 -6.25
CA PRO C 36 4.68 24.69 -7.16
C PRO C 36 5.09 23.23 -7.18
N LYS C 37 4.09 22.35 -7.19
CA LYS C 37 4.31 20.90 -7.26
C LYS C 37 4.18 20.38 -8.69
N ALA C 38 4.24 21.26 -9.68
CA ALA C 38 4.18 20.87 -11.08
C ALA C 38 4.56 22.09 -11.92
N ARG C 39 4.72 21.86 -13.22
CA ARG C 39 5.08 22.95 -14.12
CA ARG C 39 5.08 22.95 -14.12
C ARG C 39 4.10 24.10 -14.04
N TYR C 40 2.82 23.81 -13.80
CA TYR C 40 1.79 24.83 -13.65
C TYR C 40 1.02 24.55 -12.38
N HIS C 41 0.92 25.55 -11.50
CA HIS C 41 0.26 25.37 -10.21
C HIS C 41 -0.22 26.73 -9.74
N TRP C 42 -1.54 26.91 -9.70
CA TRP C 42 -2.15 28.17 -9.28
C TRP C 42 -3.08 27.94 -8.10
N LEU C 43 -3.38 29.03 -7.40
CA LEU C 43 -4.36 29.04 -6.33
C LEU C 43 -5.40 30.11 -6.63
N VAL C 44 -6.67 29.74 -6.55
CA VAL C 44 -7.78 30.65 -6.78
C VAL C 44 -8.44 30.92 -5.43
N LEU C 45 -8.39 32.18 -4.99
CA LEU C 45 -8.95 32.56 -3.71
C LEU C 45 -10.02 33.63 -3.89
N PRO C 46 -11.13 33.56 -3.15
CA PRO C 46 -12.12 34.62 -3.21
C PRO C 46 -11.74 35.81 -2.32
N TRP C 47 -12.16 36.99 -2.76
CA TRP C 47 -11.93 38.19 -1.95
C TRP C 47 -12.70 38.11 -0.64
N THR C 48 -13.93 37.59 -0.69
CA THR C 48 -14.68 37.27 0.52
C THR C 48 -14.23 35.89 1.00
N SER C 49 -13.37 35.87 2.01
CA SER C 49 -12.71 34.64 2.41
C SER C 49 -13.67 33.63 3.00
N ILE C 50 -13.32 32.36 2.85
CA ILE C 50 -14.04 31.24 3.45
C ILE C 50 -13.11 30.57 4.44
N SER C 51 -13.59 30.37 5.67
CA SER C 51 -12.74 29.81 6.71
C SER C 51 -12.28 28.40 6.35
N SER C 52 -13.24 27.49 6.11
CA SER C 52 -12.91 26.11 5.82
C SER C 52 -14.04 25.48 5.01
N LEU C 53 -13.78 24.26 4.53
CA LEU C 53 -14.81 23.52 3.81
C LEU C 53 -16.03 23.24 4.69
N LYS C 54 -15.81 23.05 6.00
CA LYS C 54 -16.92 22.84 6.92
C LYS C 54 -17.86 24.04 6.92
N ALA C 55 -17.33 25.24 6.70
CA ALA C 55 -18.13 26.46 6.71
C ALA C 55 -18.88 26.70 5.40
N VAL C 56 -18.56 25.95 4.34
CA VAL C 56 -19.20 26.18 3.06
C VAL C 56 -20.68 25.83 3.17
N ALA C 57 -21.52 26.75 2.69
CA ALA C 57 -22.96 26.55 2.64
C ALA C 57 -23.44 26.87 1.22
N ARG C 58 -24.74 26.71 1.00
CA ARG C 58 -25.30 26.92 -0.34
C ARG C 58 -25.06 28.34 -0.84
N GLU C 59 -24.86 29.31 0.06
CA GLU C 59 -24.63 30.68 -0.37
C GLU C 59 -23.34 30.82 -1.17
N HIS C 60 -22.37 29.93 -0.94
CA HIS C 60 -21.09 29.97 -1.63
C HIS C 60 -21.12 29.23 -2.97
N LEU C 61 -22.24 28.61 -3.33
CA LEU C 61 -22.28 27.74 -4.50
C LEU C 61 -21.81 28.48 -5.76
N GLU C 62 -22.47 29.59 -6.08
CA GLU C 62 -22.09 30.33 -7.28
C GLU C 62 -20.64 30.76 -7.23
N LEU C 63 -20.16 31.21 -6.05
CA LEU C 63 -18.76 31.60 -5.92
C LEU C 63 -17.84 30.43 -6.22
N LEU C 64 -18.19 29.23 -5.74
CA LEU C 64 -17.36 28.06 -6.01
C LEU C 64 -17.32 27.75 -7.50
N LYS C 65 -18.45 27.86 -8.19
CA LYS C 65 -18.47 27.65 -9.63
C LYS C 65 -17.66 28.71 -10.36
N HIS C 66 -17.70 29.95 -9.87
CA HIS C 66 -16.89 31.00 -10.48
C HIS C 66 -15.41 30.71 -10.31
N MET C 67 -15.00 30.27 -9.12
CA MET C 67 -13.60 29.89 -8.90
C MET C 67 -13.19 28.78 -9.87
N HIS C 68 -14.07 27.80 -10.10
CA HIS C 68 -13.77 26.72 -11.03
C HIS C 68 -13.61 27.27 -12.45
N THR C 69 -14.60 28.02 -12.93
CA THR C 69 -14.52 28.56 -14.28
CA THR C 69 -14.53 28.58 -14.28
C THR C 69 -13.27 29.41 -14.46
N VAL C 70 -12.93 30.24 -13.47
CA VAL C 70 -11.72 31.06 -13.57
C VAL C 70 -10.49 30.16 -13.68
N GLY C 71 -10.46 29.08 -12.91
CA GLY C 71 -9.36 28.14 -13.03
C GLY C 71 -9.24 27.57 -14.42
N GLU C 72 -10.36 27.23 -15.05
CA GLU C 72 -10.34 26.72 -16.41
C GLU C 72 -9.84 27.76 -17.41
N LYS C 73 -10.13 29.04 -17.15
CA LYS C 73 -9.68 30.09 -18.05
C LYS C 73 -8.18 30.34 -17.91
N VAL C 74 -7.65 30.27 -16.68
CA VAL C 74 -6.22 30.43 -16.47
C VAL C 74 -5.46 29.33 -17.20
N ILE C 75 -6.02 28.11 -17.21
CA ILE C 75 -5.37 27.00 -17.89
C ILE C 75 -5.18 27.31 -19.37
N VAL C 76 -6.26 27.70 -20.04
CA VAL C 76 -6.19 27.95 -21.48
C VAL C 76 -5.33 29.19 -21.77
N ASP C 77 -5.41 30.20 -20.91
CA ASP C 77 -4.70 31.45 -21.19
C ASP C 77 -3.20 31.29 -21.03
N PHE C 78 -2.75 30.49 -20.05
CA PHE C 78 -1.34 30.41 -19.72
C PHE C 78 -0.73 29.04 -19.91
N ALA C 79 -1.53 28.01 -20.20
CA ALA C 79 -0.99 26.68 -20.46
C ALA C 79 -1.71 26.01 -21.63
N GLY C 80 -2.30 26.77 -22.53
CA GLY C 80 -3.05 26.18 -23.63
C GLY C 80 -2.18 25.44 -24.62
N SER C 81 -0.96 25.92 -24.85
CA SER C 81 -0.05 25.27 -25.79
C SER C 81 0.67 24.07 -25.18
N SER C 82 0.54 23.85 -23.87
CA SER C 82 1.30 22.80 -23.21
C SER C 82 0.73 21.41 -23.44
N LYS C 83 -0.56 21.30 -23.74
CA LYS C 83 -1.22 20.01 -23.89
C LYS C 83 -1.18 19.18 -22.61
N LEU C 84 -0.88 19.81 -21.49
CA LEU C 84 -0.81 19.12 -20.20
C LEU C 84 -2.21 18.95 -19.62
N ARG C 85 -2.40 17.84 -18.91
CA ARG C 85 -3.65 17.60 -18.20
C ARG C 85 -3.66 18.36 -16.88
N PHE C 86 -4.86 18.76 -16.46
CA PHE C 86 -5.04 19.54 -15.24
C PHE C 86 -6.12 18.92 -14.38
N ARG C 87 -6.01 19.15 -13.08
CA ARG C 87 -7.06 18.82 -12.12
C ARG C 87 -7.32 20.02 -11.24
N LEU C 88 -8.57 20.17 -10.82
CA LEU C 88 -8.99 21.28 -9.97
C LEU C 88 -9.64 20.70 -8.72
N GLY C 89 -9.12 21.07 -7.56
CA GLY C 89 -9.65 20.52 -6.32
C GLY C 89 -9.11 21.23 -5.11
N TYR C 90 -9.58 20.78 -3.95
CA TYR C 90 -9.20 21.33 -2.66
C TYR C 90 -8.57 20.25 -1.80
N HIS C 91 -7.64 20.65 -0.95
CA HIS C 91 -7.06 19.73 0.03
C HIS C 91 -8.03 19.56 1.19
N ALA C 92 -8.26 18.31 1.58
CA ALA C 92 -9.28 18.02 2.59
C ALA C 92 -8.93 18.66 3.93
N ILE C 93 -7.66 18.64 4.30
CA ILE C 93 -7.20 19.27 5.54
C ILE C 93 -6.08 20.24 5.18
N PRO C 94 -6.39 21.47 4.79
CA PRO C 94 -5.33 22.39 4.37
C PRO C 94 -4.46 22.82 5.54
N SER C 95 -3.33 23.42 5.19
CA SER C 95 -2.41 23.99 6.18
C SER C 95 -2.39 25.51 6.18
N MET C 96 -2.65 26.14 5.03
CA MET C 96 -2.73 27.59 4.95
C MET C 96 -4.18 28.02 5.11
N SER C 97 -4.38 29.14 5.78
CA SER C 97 -5.72 29.64 6.04
C SER C 97 -6.37 30.13 4.74
N HIS C 98 -7.69 30.32 4.81
CA HIS C 98 -8.46 30.81 3.67
C HIS C 98 -8.58 29.74 2.60
N VAL C 99 -9.79 29.22 2.40
CA VAL C 99 -10.01 28.17 1.41
C VAL C 99 -9.52 28.64 0.04
N HIS C 100 -8.82 27.76 -0.66
CA HIS C 100 -8.22 28.09 -1.94
C HIS C 100 -8.30 26.89 -2.87
N LEU C 101 -8.59 27.16 -4.14
CA LEU C 101 -8.75 26.12 -5.15
C LEU C 101 -7.41 25.86 -5.81
N HIS C 102 -6.97 24.60 -5.79
CA HIS C 102 -5.75 24.20 -6.48
C HIS C 102 -6.03 23.99 -7.97
N VAL C 103 -5.16 24.53 -8.81
CA VAL C 103 -5.22 24.31 -10.26
C VAL C 103 -3.81 23.89 -10.66
N ILE C 104 -3.61 22.61 -10.91
CA ILE C 104 -2.27 22.03 -11.02
C ILE C 104 -2.20 21.13 -12.25
N SER C 105 -1.13 21.25 -13.00
CA SER C 105 -0.88 20.36 -14.13
C SER C 105 -0.42 19.00 -13.63
N GLN C 106 -0.71 17.96 -14.41
CA GLN C 106 -0.52 16.59 -13.98
C GLN C 106 0.85 16.03 -14.36
N ASP C 107 1.77 16.88 -14.82
CA ASP C 107 3.14 16.44 -14.99
C ASP C 107 3.79 16.18 -13.64
N PHE C 108 3.45 16.98 -12.63
CA PHE C 108 4.06 16.89 -11.30
C PHE C 108 5.59 16.93 -11.41
N ASP C 109 6.08 17.74 -12.34
CA ASP C 109 7.51 17.92 -12.57
C ASP C 109 7.94 19.21 -11.91
N SER C 110 8.42 19.11 -10.66
CA SER C 110 8.86 20.29 -9.94
C SER C 110 9.81 19.87 -8.83
N PRO C 111 10.85 20.65 -8.53
CA PRO C 111 11.72 20.32 -7.39
C PRO C 111 11.06 20.53 -6.04
N CYS C 112 10.01 21.35 -5.94
CA CYS C 112 9.33 21.56 -4.68
C CYS C 112 8.52 20.35 -4.24
N LEU C 113 8.31 19.39 -5.13
CA LEU C 113 7.67 18.12 -4.77
C LEU C 113 8.73 17.20 -4.21
N LYS C 114 8.71 16.99 -2.89
CA LYS C 114 9.84 16.39 -2.19
C LYS C 114 9.51 15.20 -1.30
N ASN C 115 8.26 15.02 -0.88
CA ASN C 115 7.94 13.94 0.05
C ASN C 115 6.57 13.34 -0.29
N LYS C 116 6.25 12.25 0.41
CA LYS C 116 5.02 11.52 0.14
C LYS C 116 3.79 12.38 0.41
N LYS C 117 3.82 13.18 1.48
CA LYS C 117 2.67 14.02 1.79
C LYS C 117 2.32 14.92 0.61
N HIS C 118 3.33 15.48 -0.05
CA HIS C 118 3.09 16.27 -1.25
C HIS C 118 2.36 15.44 -2.31
N TRP C 119 2.88 14.25 -2.59
CA TRP C 119 2.29 13.43 -3.64
C TRP C 119 0.84 13.07 -3.32
N ASN C 120 0.61 12.51 -2.14
CA ASN C 120 -0.72 12.00 -1.81
C ASN C 120 -1.72 13.12 -1.56
N SER C 121 -1.26 14.36 -1.30
CA SER C 121 -2.19 15.47 -1.16
C SER C 121 -2.83 15.84 -2.49
N PHE C 122 -2.24 15.40 -3.61
CA PHE C 122 -2.80 15.66 -4.93
C PHE C 122 -3.21 14.39 -5.66
N ASN C 123 -2.95 13.21 -5.08
CA ASN C 123 -3.21 11.97 -5.80
C ASN C 123 -3.92 10.92 -4.94
N THR C 124 -4.66 11.34 -3.91
CA THR C 124 -5.54 10.46 -3.19
C THR C 124 -6.89 11.15 -3.01
N GLU C 125 -7.80 10.55 -2.25
CA GLU C 125 -9.05 11.23 -1.93
C GLU C 125 -8.82 12.45 -1.05
N TYR C 126 -7.63 12.61 -0.48
CA TYR C 126 -7.25 13.86 0.17
C TYR C 126 -7.49 15.05 -0.75
N PHE C 127 -7.34 14.85 -2.06
CA PHE C 127 -7.57 15.89 -3.05
C PHE C 127 -9.04 15.82 -3.48
N LEU C 128 -9.83 16.79 -3.04
CA LEU C 128 -11.26 16.86 -3.35
C LEU C 128 -11.44 17.66 -4.63
N GLU C 129 -11.93 17.01 -5.68
CA GLU C 129 -12.10 17.68 -6.96
C GLU C 129 -13.10 18.83 -6.84
N SER C 130 -12.80 19.94 -7.52
CA SER C 130 -13.65 21.12 -7.47
C SER C 130 -15.09 20.76 -7.87
N GLN C 131 -15.24 19.99 -8.94
CA GLN C 131 -16.58 19.62 -9.39
C GLN C 131 -17.32 18.85 -8.32
N ALA C 132 -16.64 17.88 -7.70
CA ALA C 132 -17.27 17.10 -6.63
C ALA C 132 -17.75 18.00 -5.50
N VAL C 133 -16.90 18.93 -5.07
CA VAL C 133 -17.30 19.88 -4.04
C VAL C 133 -18.53 20.65 -4.48
N ILE C 134 -18.57 21.06 -5.75
CA ILE C 134 -19.71 21.80 -6.26
C ILE C 134 -20.97 20.95 -6.23
N GLU C 135 -20.85 19.66 -6.55
CA GLU C 135 -22.02 18.78 -6.56
C GLU C 135 -22.58 18.61 -5.16
N MET C 136 -21.71 18.42 -4.16
CA MET C 136 -22.18 18.24 -2.79
C MET C 136 -22.94 19.47 -2.31
N VAL C 137 -22.36 20.66 -2.49
CA VAL C 137 -23.03 21.89 -2.11
C VAL C 137 -24.34 22.03 -2.88
N GLN C 138 -24.39 21.52 -4.11
CA GLN C 138 -25.61 21.60 -4.90
C GLN C 138 -26.69 20.68 -4.34
N GLU C 139 -26.33 19.43 -4.03
CA GLU C 139 -27.32 18.45 -3.61
C GLU C 139 -27.62 18.56 -2.11
N ALA C 140 -26.57 18.66 -1.29
CA ALA C 140 -26.72 18.62 0.16
C ALA C 140 -26.53 19.96 0.84
N GLY C 141 -26.08 20.99 0.13
CA GLY C 141 -25.90 22.29 0.73
C GLY C 141 -24.69 22.42 1.64
N ARG C 142 -23.84 21.40 1.71
CA ARG C 142 -22.64 21.47 2.53
C ARG C 142 -21.64 20.45 2.01
N VAL C 143 -20.39 20.61 2.42
CA VAL C 143 -19.30 19.73 2.04
C VAL C 143 -19.00 18.79 3.20
N THR C 144 -18.96 17.49 2.91
CA THR C 144 -18.66 16.47 3.91
C THR C 144 -17.34 15.82 3.56
N VAL C 145 -16.36 15.97 4.45
CA VAL C 145 -15.05 15.36 4.28
C VAL C 145 -15.07 14.00 4.97
N ARG C 146 -14.68 12.97 4.23
CA ARG C 146 -14.68 11.61 4.76
C ARG C 146 -13.52 11.43 5.74
N ASP C 147 -13.66 10.42 6.60
CA ASP C 147 -12.71 10.17 7.66
C ASP C 147 -11.47 9.46 7.11
N GLY C 148 -10.41 9.45 7.93
CA GLY C 148 -9.19 8.75 7.57
C GLY C 148 -8.31 9.46 6.58
N MET C 149 -8.40 10.79 6.51
CA MET C 149 -7.60 11.55 5.56
C MET C 149 -6.13 11.53 5.94
N PRO C 150 -5.77 11.72 7.21
CA PRO C 150 -4.35 11.61 7.59
C PRO C 150 -3.74 10.27 7.21
N GLU C 151 -4.52 9.19 7.23
CA GLU C 151 -3.98 7.89 6.87
C GLU C 151 -3.69 7.78 5.37
N LEU C 152 -4.49 8.45 4.53
CA LEU C 152 -4.27 8.39 3.10
C LEU C 152 -2.91 8.97 2.72
N LEU C 153 -2.44 9.98 3.47
CA LEU C 153 -1.16 10.60 3.16
C LEU C 153 0.02 9.65 3.34
N LYS C 154 -0.18 8.51 4.00
CA LYS C 154 0.87 7.53 4.19
C LYS C 154 0.85 6.42 3.15
N LEU C 155 -0.14 6.42 2.25
CA LEU C 155 -0.23 5.37 1.26
C LEU C 155 1.05 5.32 0.41
N PRO C 156 1.51 4.13 0.02
CA PRO C 156 2.66 4.05 -0.88
C PRO C 156 2.44 4.87 -2.15
N LEU C 157 3.54 5.35 -2.72
CA LEU C 157 3.46 6.17 -3.91
C LEU C 157 2.88 5.37 -5.09
N ARG C 158 1.91 5.96 -5.78
CA ARG C 158 1.28 5.33 -6.93
C ARG C 158 1.26 6.32 -8.07
N CYS C 159 1.80 5.93 -9.23
CA CYS C 159 1.75 6.77 -10.41
C CYS C 159 0.30 7.02 -10.81
N HIS C 160 -0.04 8.28 -11.02
CA HIS C 160 -1.39 8.67 -11.41
C HIS C 160 -1.72 8.34 -12.86
N GLU C 161 -0.72 7.96 -13.67
CA GLU C 161 -0.93 7.69 -15.08
C GLU C 161 -1.10 6.19 -15.37
N CYS C 162 -0.20 5.36 -14.85
CA CYS C 162 -0.23 3.92 -15.09
C CYS C 162 -0.55 3.11 -13.84
N GLN C 163 -0.70 3.76 -12.69
CA GLN C 163 -1.08 3.12 -11.43
C GLN C 163 0.04 2.31 -10.81
N GLN C 164 1.26 2.39 -11.33
CA GLN C 164 2.35 1.60 -10.79
C GLN C 164 2.78 2.14 -9.43
N LEU C 165 3.10 1.23 -8.51
CA LEU C 165 3.53 1.59 -7.18
C LEU C 165 5.04 1.76 -7.15
N LEU C 166 5.50 2.87 -6.56
CA LEU C 166 6.92 3.18 -6.49
C LEU C 166 7.38 3.23 -5.04
N PRO C 167 8.60 2.79 -4.74
CA PRO C 167 9.04 2.70 -3.34
C PRO C 167 9.59 3.99 -2.76
N SER C 168 9.92 4.98 -3.58
CA SER C 168 10.53 6.20 -3.07
C SER C 168 10.20 7.36 -4.00
N ILE C 169 10.42 8.58 -3.48
CA ILE C 169 10.24 9.78 -4.30
C ILE C 169 11.22 9.80 -5.47
N PRO C 170 12.53 9.67 -5.28
CA PRO C 170 13.44 9.71 -6.43
C PRO C 170 13.08 8.72 -7.53
N GLN C 171 12.64 7.51 -7.17
CA GLN C 171 12.21 6.55 -8.19
C GLN C 171 10.91 6.98 -8.84
N LEU C 172 10.04 7.65 -8.09
CA LEU C 172 8.80 8.17 -8.69
C LEU C 172 9.12 9.24 -9.74
N LYS C 173 9.91 10.25 -9.36
CA LYS C 173 10.30 11.29 -10.31
C LYS C 173 10.92 10.69 -11.55
N GLU C 174 11.77 9.66 -11.38
CA GLU C 174 12.35 8.99 -12.54
C GLU C 174 11.28 8.28 -13.36
N HIS C 175 10.31 7.66 -12.68
CA HIS C 175 9.24 6.96 -13.39
C HIS C 175 8.37 7.92 -14.17
N LEU C 176 8.07 9.09 -13.61
CA LEU C 176 7.18 10.04 -14.27
C LEU C 176 7.73 10.51 -15.62
N ARG C 177 9.03 10.42 -15.84
CA ARG C 177 9.60 10.79 -17.13
C ARG C 177 8.89 10.08 -18.27
N LYS C 178 8.50 8.83 -18.06
CA LYS C 178 7.94 8.00 -19.12
C LYS C 178 6.59 8.49 -19.61
N HIS C 179 5.94 9.39 -18.89
CA HIS C 179 4.63 9.92 -19.29
C HIS C 179 4.71 11.35 -19.80
N TRP C 180 5.91 11.91 -19.94
CA TRP C 180 6.07 13.27 -20.42
C TRP C 180 6.36 13.29 -21.92
P AMP G . 12.32 -21.04 3.80
O1P AMP G . 11.85 -19.82 3.06
O2P AMP G . 13.69 -21.53 3.40
O3P AMP G . 11.30 -22.13 3.96
O5' AMP G . 12.54 -20.50 5.27
C5' AMP G . 13.16 -21.32 6.27
C4' AMP G . 12.38 -21.33 7.56
O4' AMP G . 13.04 -22.23 8.49
C3' AMP G . 12.28 -19.97 8.26
O3' AMP G . 11.00 -19.84 8.86
C2' AMP G . 13.34 -20.08 9.36
O2' AMP G . 13.09 -19.27 10.50
C1' AMP G . 13.29 -21.57 9.70
N9 AMP G . 14.53 -22.10 10.27
C8 AMP G . 15.79 -21.76 9.95
N7 AMP G . 16.70 -22.42 10.65
C5 AMP G . 15.96 -23.26 11.48
C6 AMP G . 16.32 -24.21 12.45
N6 AMP G . 17.60 -24.50 12.77
N1 AMP G . 15.33 -24.86 13.09
C2 AMP G . 14.05 -24.59 12.79
N3 AMP G . 13.60 -23.69 11.87
C4 AMP G . 14.61 -23.06 11.24
H5'1 AMP G . 14.17 -20.96 6.45
H5'2 AMP G . 13.23 -22.35 5.89
H4' AMP G . 11.36 -21.67 7.35
H1' AMP G . 12.46 -21.73 10.40
H8 AMP G . 16.03 -21.01 9.20
HN61 AMP G . 18.36 -24.02 12.31
HN62 AMP G . 17.80 -25.19 13.48
H2 AMP G . 13.29 -25.14 13.33
ZN ZN H . -6.23 -5.04 7.22
C1 BME I . 15.19 -13.65 14.57
C2 BME I . 14.97 -13.37 16.06
O1 BME I . 14.85 -12.50 13.83
S2 BME I . 13.30 -12.78 16.41
H11 BME I . 14.57 -14.49 14.26
H12 BME I . 16.23 -13.91 14.38
H21 BME I . 15.70 -12.62 16.39
H22 BME I . 15.16 -14.29 16.62
HO1 BME I . 14.55 -11.79 14.44
P AMP J . -2.66 23.53 1.50
O1P AMP J . -3.36 24.03 0.26
O2P AMP J . -3.05 24.27 2.76
O3P AMP J . -2.57 22.03 1.64
O5' AMP J . -1.15 23.96 1.26
C5' AMP J . -0.80 25.32 1.00
C4' AMP J . -0.44 25.55 -0.45
O4' AMP J . -0.22 26.97 -0.65
C3' AMP J . 0.82 24.84 -0.92
O3' AMP J . 0.66 24.46 -2.29
C2' AMP J . 1.89 25.93 -0.84
O2' AMP J . 2.98 25.76 -1.71
C1' AMP J . 1.08 27.19 -1.18
N9 AMP J . 1.61 28.43 -0.62
C8 AMP J . 2.16 28.60 0.59
N7 AMP J . 2.56 29.83 0.81
C5 AMP J . 2.25 30.50 -0.36
C6 AMP J . 2.42 31.83 -0.77
N6 AMP J . 2.98 32.78 0.02
N1 AMP J . 1.99 32.18 -2.00
C2 AMP J . 1.43 31.25 -2.79
N3 AMP J . 1.23 29.96 -2.50
C4 AMP J . 1.66 29.63 -1.26
H5'1 AMP J . 0.04 25.61 1.63
H5'2 AMP J . -1.66 25.96 1.27
H4' AMP J . -1.29 25.22 -1.06
H1' AMP J . 1.01 27.26 -2.28
H8 AMP J . 2.26 27.80 1.32
HN61 AMP J . 3.30 32.55 0.94
HN62 AMP J . 3.08 33.73 -0.32
H2 AMP J . 1.11 31.59 -3.77
ZN ZN K . 3.35 5.54 -14.57
C1 BME L . 10.17 24.49 -1.77
C2 BME L . 11.17 25.13 -2.73
O1 BME L . 10.52 23.13 -1.56
S2 BME L . 11.37 24.16 -4.26
H11 BME L . 9.17 24.56 -2.18
H12 BME L . 10.19 25.02 -0.82
H21 BME L . 12.14 25.22 -2.24
H22 BME L . 10.83 26.13 -2.99
HO1 BME L . 11.31 22.91 -2.09
#